data_3T4H
#
_entry.id   3T4H
#
_cell.length_a   36.661
_cell.length_b   38.830
_cell.length_c   40.274
_cell.angle_alpha   77.640
_cell.angle_beta   75.440
_cell.angle_gamma   66.420
#
_symmetry.space_group_name_H-M   'P 1'
#
loop_
_entity.id
_entity.type
_entity.pdbx_description
1 polymer 'Alpha-ketoglutarate-dependent dioxygenase AlkB'
2 non-polymer 'FE (III) ION'
3 non-polymer '4-(2-HYDROXYETHYL)-1-PIPERAZINE ETHANESULFONIC ACID'
4 non-polymer N-(carboxycarbonyl)-S-(3-nitrobenzyl)-L-cysteine
5 water water
#
_entity_poly.entity_id   1
_entity_poly.type   'polypeptide(L)'
_entity_poly.pdbx_seq_one_letter_code
;MQEPLAAGAVILRRFAFNAAEQLIRDINDVASQSPFRQMVTPGGYTMSVAMTNCGHLGWTTHRQGYLYSPIDPQTNKPWP
AMPQSFHNLCQRAATAAGYPDFQPDACLINRYAPGAKLSLHQDKDEPDLRAPIVSVSLGLPAIFQFGGLKRNDPLKRLLL
EHGDVVVWGGESRLFYHGIQPLKAGFHPLTIDCRYNLTFRQAGKKE
;
_entity_poly.pdbx_strand_id   B
#
# COMPACT_ATOMS: atom_id res chain seq x y z
N PRO A 4 -10.84 10.00 -17.57
CA PRO A 4 -9.51 9.53 -17.16
C PRO A 4 -9.32 8.00 -17.12
N LEU A 5 -8.13 7.57 -16.71
CA LEU A 5 -7.78 6.15 -16.59
C LEU A 5 -8.72 5.43 -15.61
N ALA A 6 -8.90 6.05 -14.45
CA ALA A 6 -9.80 5.56 -13.41
C ALA A 6 -10.44 6.79 -12.74
N ALA A 7 -11.76 6.92 -12.85
CA ALA A 7 -12.46 8.10 -12.31
C ALA A 7 -12.10 8.35 -10.84
N GLY A 8 -11.54 9.53 -10.56
CA GLY A 8 -11.18 9.89 -9.19
C GLY A 8 -9.77 9.55 -8.79
N ALA A 9 -9.06 8.81 -9.63
CA ALA A 9 -7.67 8.49 -9.33
C ALA A 9 -6.77 9.55 -9.90
N VAL A 10 -5.66 9.80 -9.22
CA VAL A 10 -4.67 10.77 -9.66
C VAL A 10 -3.33 10.09 -9.69
N ILE A 11 -2.77 9.91 -10.87
CA ILE A 11 -1.46 9.28 -10.95
C ILE A 11 -0.37 10.35 -11.00
N LEU A 12 0.62 10.22 -10.13
CA LEU A 12 1.70 11.20 -9.98
C LEU A 12 3.03 10.46 -10.22
N ARG A 13 3.40 10.30 -11.48
CA ARG A 13 4.57 9.47 -11.78
C ARG A 13 5.83 10.16 -11.25
N ARG A 14 6.70 9.34 -10.63
CA ARG A 14 7.97 9.78 -10.04
C ARG A 14 7.83 10.83 -8.92
N PHE A 15 6.63 10.99 -8.38
CA PHE A 15 6.41 11.98 -7.32
C PHE A 15 7.30 11.71 -6.11
N ALA A 16 7.55 10.44 -5.82
CA ALA A 16 8.36 10.07 -4.65
C ALA A 16 9.79 9.71 -5.03
N PHE A 17 10.19 10.05 -6.25
CA PHE A 17 11.51 9.64 -6.72
C PHE A 17 12.62 10.24 -5.85
N ASN A 18 12.54 11.53 -5.59
CA ASN A 18 13.60 12.16 -4.79
C ASN A 18 13.61 11.68 -3.34
N ALA A 19 12.42 11.38 -2.81
CA ALA A 19 12.27 10.94 -1.43
C ALA A 19 12.60 9.46 -1.22
N ALA A 20 12.76 8.71 -2.31
CA ALA A 20 12.81 7.24 -2.21
C ALA A 20 13.89 6.69 -1.28
N GLU A 21 15.10 7.22 -1.35
CA GLU A 21 16.17 6.67 -0.53
C GLU A 21 15.81 6.79 0.95
N GLN A 22 15.25 7.93 1.34
CA GLN A 22 14.85 8.13 2.73
C GLN A 22 13.67 7.23 3.11
N LEU A 23 12.69 7.11 2.22
CA LEU A 23 11.56 6.24 2.48
C LEU A 23 12.00 4.82 2.74
N ILE A 24 12.98 4.36 1.95
CA ILE A 24 13.46 2.99 2.06
C ILE A 24 14.25 2.77 3.36
N ARG A 25 15.03 3.77 3.76
CA ARG A 25 15.68 3.72 5.04
C ARG A 25 14.64 3.58 6.14
N ASP A 26 13.53 4.32 6.00
CA ASP A 26 12.48 4.29 7.01
C ASP A 26 11.68 2.97 7.00
N ILE A 27 11.50 2.38 5.82
CA ILE A 27 10.94 1.03 5.74
C ILE A 27 11.80 0.05 6.55
N ASN A 28 13.12 0.13 6.39
CA ASN A 28 14.03 -0.74 7.10
C ASN A 28 13.93 -0.54 8.61
N ASP A 29 13.77 0.72 9.02
CA ASP A 29 13.67 1.03 10.43
C ASP A 29 12.35 0.46 11.00
N VAL A 30 11.26 0.67 10.28
CA VAL A 30 9.99 0.14 10.75
C VAL A 30 10.09 -1.38 10.87
N ALA A 31 10.68 -1.99 9.86
CA ALA A 31 10.74 -3.46 9.84
C ALA A 31 11.66 -4.02 10.92
N SER A 32 12.59 -3.22 11.41
CA SER A 32 13.50 -3.67 12.45
C SER A 32 12.73 -3.84 13.76
N GLN A 33 11.54 -3.24 13.81
CA GLN A 33 10.73 -3.27 15.02
C GLN A 33 9.54 -4.20 14.84
N SER A 34 8.79 -3.98 13.75
CA SER A 34 7.73 -4.91 13.36
C SER A 34 8.14 -5.56 12.04
N PRO A 35 8.64 -6.80 12.11
CA PRO A 35 9.25 -7.41 10.93
C PRO A 35 8.25 -7.70 9.84
N PHE A 36 8.72 -7.75 8.60
CA PHE A 36 7.84 -8.22 7.54
C PHE A 36 7.43 -9.65 7.84
N ARG A 37 6.18 -9.97 7.58
CA ARG A 37 5.69 -11.34 7.70
C ARG A 37 4.67 -11.65 6.61
N GLN A 38 4.59 -12.92 6.21
CA GLN A 38 3.59 -13.30 5.22
C GLN A 38 2.37 -13.77 5.97
N MET A 39 1.31 -12.99 5.89
CA MET A 39 0.10 -13.28 6.63
C MET A 39 -0.70 -14.40 5.97
N VAL A 40 -1.59 -15.01 6.73
CA VAL A 40 -2.43 -16.06 6.23
C VAL A 40 -3.80 -15.50 5.93
N THR A 41 -4.33 -15.80 4.75
CA THR A 41 -5.66 -15.31 4.42
C THR A 41 -6.71 -16.08 5.20
N PRO A 42 -7.90 -15.48 5.36
CA PRO A 42 -8.97 -16.22 6.02
C PRO A 42 -9.24 -17.59 5.35
N GLY A 43 -8.88 -17.74 4.08
CA GLY A 43 -9.04 -19.01 3.38
C GLY A 43 -7.94 -20.05 3.62
N GLY A 44 -6.88 -19.63 4.31
CA GLY A 44 -5.84 -20.56 4.77
C GLY A 44 -4.54 -20.51 4.01
N TYR A 45 -4.44 -19.58 3.08
CA TYR A 45 -3.29 -19.48 2.19
C TYR A 45 -2.27 -18.48 2.72
N THR A 46 -0.99 -18.82 2.59
CA THR A 46 0.01 -17.85 2.96
C THR A 46 0.20 -16.87 1.81
N MET A 47 0.06 -15.58 2.11
CA MET A 47 0.21 -14.53 1.10
C MET A 47 1.65 -14.58 0.59
N SER A 48 1.82 -14.30 -0.71
CA SER A 48 3.16 -14.22 -1.28
C SER A 48 3.79 -12.87 -1.01
N VAL A 49 2.95 -11.86 -0.83
CA VAL A 49 3.41 -10.54 -0.40
C VAL A 49 3.67 -10.55 1.10
N ALA A 50 4.82 -10.00 1.49
CA ALA A 50 5.15 -9.86 2.91
C ALA A 50 4.76 -8.47 3.38
N MET A 51 4.31 -8.35 4.63
CA MET A 51 3.73 -7.08 5.06
C MET A 51 4.21 -6.67 6.44
N THR A 52 4.16 -5.35 6.69
CA THR A 52 4.20 -4.82 8.05
C THR A 52 3.45 -3.49 8.01
N ASN A 53 3.41 -2.76 9.13
CA ASN A 53 2.66 -1.51 9.19
C ASN A 53 3.38 -0.51 10.06
N CYS A 54 3.08 0.77 9.84
CA CYS A 54 3.45 1.79 10.82
C CYS A 54 2.27 2.75 10.94
N GLY A 55 2.29 3.57 11.98
CA GLY A 55 1.19 4.46 12.28
C GLY A 55 0.43 3.95 13.47
N HIS A 56 -0.68 4.62 13.81
CA HIS A 56 -1.43 4.20 14.98
C HIS A 56 -2.10 2.86 14.76
N LEU A 57 -2.51 2.59 13.52
CA LEU A 57 -3.23 1.36 13.21
C LEU A 57 -2.52 0.62 12.10
N GLY A 58 -2.61 -0.70 12.13
CA GLY A 58 -1.94 -1.53 11.16
C GLY A 58 -2.93 -2.59 10.72
N TRP A 59 -2.95 -2.86 9.42
CA TRP A 59 -3.81 -3.89 8.87
C TRP A 59 -3.24 -5.27 9.16
N THR A 60 -4.08 -6.17 9.66
CA THR A 60 -3.61 -7.51 9.90
C THR A 60 -4.77 -8.51 9.76
N THR A 61 -4.45 -9.77 9.50
CA THR A 61 -5.47 -10.77 9.56
C THR A 61 -5.52 -11.10 11.08
N HIS A 62 -6.68 -11.42 11.61
CA HIS A 62 -6.87 -11.65 13.06
C HIS A 62 -8.09 -12.52 13.21
N ARG A 63 -7.99 -13.56 14.04
CA ARG A 63 -9.05 -14.55 14.18
C ARG A 63 -9.72 -14.92 12.87
N GLN A 64 -8.93 -15.13 11.82
CA GLN A 64 -9.49 -15.53 10.54
C GLN A 64 -10.51 -14.52 9.99
N GLY A 65 -10.24 -13.25 10.23
CA GLY A 65 -10.87 -12.17 9.48
C GLY A 65 -9.76 -11.14 9.28
N TYR A 66 -10.14 -9.91 8.93
CA TYR A 66 -9.15 -8.84 8.83
C TYR A 66 -9.53 -7.78 9.81
N LEU A 67 -8.55 -6.99 10.24
CA LEU A 67 -8.91 -5.80 10.94
C LEU A 67 -7.75 -4.85 11.08
N TYR A 68 -8.06 -3.64 11.52
CA TYR A 68 -7.01 -2.71 11.87
C TYR A 68 -6.83 -2.74 13.38
N SER A 69 -5.58 -2.89 13.79
CA SER A 69 -5.25 -3.05 15.18
C SER A 69 -4.14 -2.08 15.54
N PRO A 70 -4.21 -1.50 16.75
CA PRO A 70 -3.09 -0.68 17.20
C PRO A 70 -1.89 -1.52 17.64
N ILE A 71 -2.08 -2.82 17.80
CA ILE A 71 -1.02 -3.70 18.23
C ILE A 71 -0.60 -4.68 17.15
N ASP A 72 0.71 -4.86 16.98
CA ASP A 72 1.21 -5.89 16.06
C ASP A 72 1.09 -7.26 16.72
N PRO A 73 0.26 -8.15 16.17
CA PRO A 73 0.08 -9.43 16.86
C PRO A 73 1.35 -10.30 16.88
N GLN A 74 2.33 -9.98 16.06
CA GLN A 74 3.58 -10.74 16.07
C GLN A 74 4.53 -10.32 17.20
N THR A 75 4.56 -9.03 17.48
CA THR A 75 5.43 -8.55 18.56
C THR A 75 4.70 -8.29 19.87
N ASN A 76 3.38 -8.16 19.79
CA ASN A 76 2.56 -7.74 20.94
C ASN A 76 2.85 -6.32 21.42
N LYS A 77 3.49 -5.54 20.55
CA LYS A 77 3.79 -4.13 20.80
C LYS A 77 3.07 -3.29 19.75
N PRO A 78 2.90 -2.00 20.00
CA PRO A 78 2.33 -1.10 18.99
C PRO A 78 3.14 -1.16 17.70
N TRP A 79 2.48 -0.94 16.56
CA TRP A 79 3.21 -0.77 15.32
C TRP A 79 4.12 0.44 15.52
N PRO A 80 5.27 0.48 14.82
CA PRO A 80 6.14 1.65 14.90
C PRO A 80 5.41 2.92 14.48
N ALA A 81 5.79 4.04 15.10
CA ALA A 81 5.23 5.33 14.70
C ALA A 81 5.44 5.63 13.21
N MET A 82 4.53 6.40 12.65
CA MET A 82 4.63 6.83 11.26
CA MET A 82 4.68 6.75 11.25
C MET A 82 5.89 7.66 11.07
N PRO A 83 6.83 7.23 10.21
CA PRO A 83 8.01 8.06 9.98
C PRO A 83 7.68 9.44 9.37
N GLN A 84 8.50 10.44 9.71
CA GLN A 84 8.33 11.75 9.11
C GLN A 84 8.29 11.71 7.59
N SER A 85 9.21 10.95 6.99
CA SER A 85 9.29 10.93 5.54
C SER A 85 7.98 10.43 4.91
N PHE A 86 7.36 9.45 5.58
CA PHE A 86 6.10 8.87 5.10
C PHE A 86 5.01 9.91 5.24
N HIS A 87 4.96 10.52 6.41
CA HIS A 87 3.89 11.46 6.70
C HIS A 87 3.94 12.62 5.70
N ASN A 88 5.15 13.16 5.49
CA ASN A 88 5.35 14.31 4.60
CA ASN A 88 5.36 14.29 4.62
C ASN A 88 5.02 13.98 3.16
N LEU A 89 5.49 12.84 2.68
CA LEU A 89 5.25 12.49 1.30
C LEU A 89 3.76 12.29 1.05
N CYS A 90 3.09 11.59 1.97
CA CYS A 90 1.67 11.29 1.80
C CYS A 90 0.87 12.58 1.77
N GLN A 91 1.19 13.50 2.69
CA GLN A 91 0.45 14.75 2.74
C GLN A 91 0.66 15.59 1.49
N ARG A 92 1.89 15.63 0.97
CA ARG A 92 2.17 16.37 -0.24
C ARG A 92 1.40 15.79 -1.44
N ALA A 93 1.35 14.47 -1.52
CA ALA A 93 0.64 13.82 -2.60
C ALA A 93 -0.87 14.05 -2.48
N ALA A 94 -1.40 13.83 -1.28
CA ALA A 94 -2.84 13.96 -1.09
C ALA A 94 -3.27 15.37 -1.41
N THR A 95 -2.49 16.34 -0.95
CA THR A 95 -2.79 17.72 -1.23
C THR A 95 -2.79 18.06 -2.73
N ALA A 96 -1.78 17.59 -3.45
CA ALA A 96 -1.69 17.88 -4.87
C ALA A 96 -2.89 17.28 -5.59
N ALA A 97 -3.33 16.12 -5.11
CA ALA A 97 -4.46 15.43 -5.74
C ALA A 97 -5.84 15.96 -5.33
N GLY A 98 -5.89 16.92 -4.41
CA GLY A 98 -7.16 17.50 -4.02
C GLY A 98 -7.78 16.97 -2.74
N TYR A 99 -6.98 16.33 -1.90
CA TYR A 99 -7.46 15.82 -0.62
C TYR A 99 -6.62 16.37 0.51
N PRO A 100 -6.68 17.70 0.72
CA PRO A 100 -5.75 18.32 1.67
C PRO A 100 -5.98 17.91 3.11
N ASP A 101 -7.18 17.41 3.41
CA ASP A 101 -7.53 17.05 4.79
C ASP A 101 -7.27 15.58 5.10
N PHE A 102 -6.74 14.86 4.12
CA PHE A 102 -6.47 13.45 4.33
C PHE A 102 -5.49 13.26 5.47
N GLN A 103 -5.87 12.45 6.45
CA GLN A 103 -5.01 12.25 7.60
C GLN A 103 -4.84 10.79 7.91
N PRO A 104 -3.86 10.15 7.25
CA PRO A 104 -3.78 8.72 7.44
C PRO A 104 -3.33 8.39 8.85
N ASP A 105 -3.85 7.29 9.37
CA ASP A 105 -3.41 6.81 10.66
C ASP A 105 -2.88 5.39 10.56
N ALA A 106 -2.73 4.92 9.32
CA ALA A 106 -2.20 3.58 9.06
C ALA A 106 -1.39 3.62 7.80
N CYS A 107 -0.26 2.91 7.78
CA CYS A 107 0.43 2.72 6.51
C CYS A 107 0.79 1.27 6.42
N LEU A 108 0.23 0.58 5.44
CA LEU A 108 0.59 -0.82 5.19
C LEU A 108 1.76 -0.87 4.24
N ILE A 109 2.79 -1.64 4.62
CA ILE A 109 3.98 -1.72 3.80
C ILE A 109 4.08 -3.11 3.24
N ASN A 110 3.98 -3.20 1.92
CA ASN A 110 3.97 -4.47 1.17
C ASN A 110 5.32 -4.68 0.53
N ARG A 111 5.91 -5.86 0.71
CA ARG A 111 7.19 -6.17 0.06
C ARG A 111 6.96 -7.33 -0.90
N TYR A 112 7.40 -7.16 -2.15
CA TYR A 112 7.24 -8.16 -3.21
C TYR A 112 8.62 -8.70 -3.58
N ALA A 113 8.82 -9.99 -3.33
CA ALA A 113 9.90 -10.73 -3.95
C ALA A 113 9.46 -11.17 -5.34
N PRO A 114 10.43 -11.59 -6.17
CA PRO A 114 10.01 -12.10 -7.47
C PRO A 114 8.89 -13.13 -7.35
N GLY A 115 7.86 -12.96 -8.15
CA GLY A 115 6.75 -13.91 -8.21
C GLY A 115 5.59 -13.54 -7.31
N ALA A 116 5.82 -12.64 -6.37
CA ALA A 116 4.78 -12.25 -5.43
C ALA A 116 3.70 -11.43 -6.15
N LYS A 117 2.46 -11.58 -5.68
CA LYS A 117 1.33 -10.95 -6.38
C LYS A 117 0.25 -10.65 -5.37
N LEU A 118 -0.70 -9.81 -5.77
CA LEU A 118 -1.94 -9.62 -5.02
C LEU A 118 -3.09 -10.04 -5.91
N SER A 119 -3.97 -10.87 -5.37
CA SER A 119 -5.14 -11.29 -6.12
CA SER A 119 -5.12 -11.29 -6.15
C SER A 119 -6.15 -10.15 -6.18
N LEU A 120 -7.06 -10.24 -7.14
CA LEU A 120 -8.03 -9.16 -7.35
C LEU A 120 -8.90 -8.99 -6.12
N HIS A 121 -9.05 -7.75 -5.67
CA HIS A 121 -9.80 -7.47 -4.45
C HIS A 121 -10.20 -6.01 -4.35
N GLN A 122 -11.14 -5.72 -3.44
CA GLN A 122 -11.43 -4.34 -3.08
C GLN A 122 -10.88 -4.01 -1.69
N ASP A 123 -10.53 -2.73 -1.48
CA ASP A 123 -10.14 -2.24 -0.17
C ASP A 123 -11.37 -1.65 0.51
N LYS A 124 -12.09 -2.46 1.30
CA LYS A 124 -13.33 -2.01 1.91
C LYS A 124 -13.29 -2.19 3.44
N ASP A 125 -12.10 -2.23 4.03
CA ASP A 125 -11.99 -2.50 5.47
C ASP A 125 -12.05 -1.24 6.31
N GLU A 126 -11.98 -0.07 5.67
CA GLU A 126 -11.91 1.21 6.37
C GLU A 126 -13.33 1.70 6.67
N PRO A 127 -13.50 2.47 7.77
CA PRO A 127 -14.82 2.98 8.20
C PRO A 127 -15.36 4.07 7.30
N ASP A 128 -14.49 4.89 6.72
CA ASP A 128 -14.94 5.92 5.78
C ASP A 128 -14.32 5.74 4.38
N LEU A 129 -15.14 5.24 3.47
CA LEU A 129 -14.66 4.99 2.10
C LEU A 129 -14.59 6.25 1.25
N ARG A 130 -14.95 7.40 1.82
CA ARG A 130 -14.77 8.68 1.15
C ARG A 130 -13.31 9.17 1.26
N ALA A 131 -12.57 8.62 2.21
CA ALA A 131 -11.15 8.95 2.34
C ALA A 131 -10.38 8.17 1.29
N PRO A 132 -9.45 8.83 0.60
CA PRO A 132 -8.66 8.15 -0.44
C PRO A 132 -7.64 7.22 0.17
N ILE A 133 -7.00 6.43 -0.67
CA ILE A 133 -5.79 5.73 -0.27
C ILE A 133 -4.66 6.29 -1.11
N VAL A 134 -3.49 6.52 -0.48
CA VAL A 134 -2.33 7.01 -1.23
C VAL A 134 -1.34 5.87 -1.33
N SER A 135 -0.96 5.53 -2.54
CA SER A 135 -0.11 4.37 -2.82
C SER A 135 1.23 4.82 -3.39
N VAL A 136 2.32 4.36 -2.78
CA VAL A 136 3.68 4.75 -3.22
C VAL A 136 4.49 3.53 -3.60
N SER A 137 5.01 3.51 -4.82
CA SER A 137 5.76 2.35 -5.33
C SER A 137 7.24 2.64 -5.31
N LEU A 138 8.01 1.65 -4.86
CA LEU A 138 9.48 1.83 -4.72
C LEU A 138 10.18 0.58 -5.22
N GLY A 139 11.25 0.72 -5.98
CA GLY A 139 11.99 -0.45 -6.43
C GLY A 139 11.53 -0.99 -7.78
N LEU A 140 11.49 -2.31 -7.85
CA LEU A 140 11.16 -2.98 -9.11
C LEU A 140 9.77 -2.62 -9.62
N PRO A 141 9.59 -2.56 -10.94
CA PRO A 141 8.29 -2.20 -11.50
C PRO A 141 7.29 -3.35 -11.39
N ALA A 142 6.01 -3.02 -11.25
CA ALA A 142 4.92 -4.01 -11.14
C ALA A 142 3.81 -3.65 -12.11
N ILE A 143 3.11 -4.68 -12.60
CA ILE A 143 1.93 -4.42 -13.41
C ILE A 143 0.72 -4.42 -12.50
N PHE A 144 0.12 -3.25 -12.36
CA PHE A 144 -1.09 -3.06 -11.56
C PHE A 144 -2.31 -3.29 -12.46
N GLN A 145 -3.28 -4.05 -11.98
CA GLN A 145 -4.50 -4.21 -12.77
C GLN A 145 -5.65 -3.66 -11.96
N PHE A 146 -6.59 -3.00 -12.62
CA PHE A 146 -7.76 -2.53 -11.90
C PHE A 146 -8.94 -2.56 -12.83
N GLY A 147 -10.11 -2.84 -12.26
CA GLY A 147 -11.32 -2.96 -13.04
C GLY A 147 -12.29 -1.87 -12.68
N GLY A 148 -13.37 -2.25 -12.03
CA GLY A 148 -14.41 -1.30 -11.71
C GLY A 148 -15.08 -1.73 -10.42
N LEU A 149 -16.32 -1.32 -10.22
CA LEU A 149 -17.02 -1.60 -8.98
C LEU A 149 -17.53 -3.04 -8.91
N LYS A 150 -17.59 -3.72 -10.06
CA LYS A 150 -18.05 -5.11 -10.12
C LYS A 150 -16.86 -6.04 -10.37
N ARG A 151 -16.86 -7.22 -9.75
CA ARG A 151 -15.73 -8.14 -9.87
CA ARG A 151 -15.78 -8.20 -9.88
C ARG A 151 -15.45 -8.46 -11.35
N ASN A 152 -16.49 -8.39 -12.18
CA ASN A 152 -16.39 -8.76 -13.59
C ASN A 152 -16.12 -7.61 -14.55
N ASP A 153 -15.96 -6.41 -14.02
CA ASP A 153 -15.64 -5.28 -14.89
C ASP A 153 -14.32 -5.56 -15.61
N PRO A 154 -14.20 -5.10 -16.86
CA PRO A 154 -13.00 -5.33 -17.66
C PRO A 154 -11.80 -4.74 -16.95
N LEU A 155 -10.68 -5.46 -16.95
CA LEU A 155 -9.49 -4.95 -16.30
C LEU A 155 -8.68 -4.05 -17.23
N LYS A 156 -8.05 -3.05 -16.62
CA LYS A 156 -7.02 -2.26 -17.27
C LYS A 156 -5.71 -2.52 -16.55
N ARG A 157 -4.62 -2.29 -17.26
CA ARG A 157 -3.32 -2.54 -16.67
C ARG A 157 -2.42 -1.35 -16.80
N LEU A 158 -1.58 -1.15 -15.79
CA LEU A 158 -0.67 -0.05 -15.78
C LEU A 158 0.58 -0.43 -15.04
N LEU A 159 1.72 -0.09 -15.64
CA LEU A 159 2.99 -0.31 -14.95
C LEU A 159 3.20 0.78 -13.90
N LEU A 160 3.54 0.35 -12.69
CA LEU A 160 3.90 1.28 -11.62
C LEU A 160 5.39 1.13 -11.40
N GLU A 161 6.11 2.23 -11.48
CA GLU A 161 7.55 2.21 -11.41
C GLU A 161 8.01 2.93 -10.18
N HIS A 162 9.31 2.77 -9.90
CA HIS A 162 9.95 3.40 -8.75
C HIS A 162 9.62 4.87 -8.61
N GLY A 163 9.06 5.24 -7.46
CA GLY A 163 8.76 6.63 -7.22
C GLY A 163 7.34 7.03 -7.59
N ASP A 164 6.62 6.16 -8.29
CA ASP A 164 5.27 6.56 -8.68
C ASP A 164 4.30 6.54 -7.48
N VAL A 165 3.40 7.52 -7.48
CA VAL A 165 2.41 7.61 -6.44
C VAL A 165 1.05 7.69 -7.10
N VAL A 166 0.08 6.95 -6.56
CA VAL A 166 -1.28 7.10 -7.06
C VAL A 166 -2.16 7.44 -5.88
N VAL A 167 -3.00 8.45 -6.06
CA VAL A 167 -4.02 8.78 -5.07
C VAL A 167 -5.36 8.24 -5.57
N TRP A 168 -5.85 7.22 -4.87
CA TRP A 168 -7.08 6.52 -5.24
C TRP A 168 -8.23 7.14 -4.47
N GLY A 169 -8.96 8.03 -5.12
CA GLY A 169 -10.08 8.71 -4.50
C GLY A 169 -11.33 8.54 -5.33
N GLY A 170 -12.43 9.14 -4.89
CA GLY A 170 -13.69 9.08 -5.61
C GLY A 170 -14.06 7.63 -5.93
N GLU A 171 -14.55 7.41 -7.14
CA GLU A 171 -15.02 6.09 -7.53
C GLU A 171 -13.91 5.06 -7.53
N SER A 172 -12.71 5.45 -7.94
CA SER A 172 -11.63 4.50 -8.07
C SER A 172 -11.27 3.88 -6.72
N ARG A 173 -11.60 4.58 -5.62
CA ARG A 173 -11.31 4.09 -4.29
C ARG A 173 -11.94 2.70 -4.07
N LEU A 174 -12.98 2.40 -4.83
CA LEU A 174 -13.75 1.16 -4.62
C LEU A 174 -13.56 0.14 -5.74
N PHE A 175 -12.61 0.38 -6.64
CA PHE A 175 -12.41 -0.53 -7.76
C PHE A 175 -11.74 -1.81 -7.28
N TYR A 176 -12.08 -2.93 -7.90
CA TYR A 176 -11.30 -4.15 -7.77
C TYR A 176 -9.93 -3.93 -8.39
N HIS A 177 -8.89 -4.44 -7.75
CA HIS A 177 -7.53 -4.25 -8.24
C HIS A 177 -6.62 -5.35 -7.74
N GLY A 178 -5.44 -5.44 -8.36
CA GLY A 178 -4.48 -6.44 -7.95
C GLY A 178 -3.13 -6.12 -8.57
N ILE A 179 -2.15 -6.98 -8.27
CA ILE A 179 -0.81 -6.79 -8.78
C ILE A 179 -0.39 -8.13 -9.38
N GLN A 180 0.13 -8.10 -10.60
CA GLN A 180 0.55 -9.32 -11.27
C GLN A 180 1.91 -9.78 -10.74
N PRO A 181 2.22 -11.08 -10.88
CA PRO A 181 3.47 -11.60 -10.33
C PRO A 181 4.68 -10.75 -10.67
N LEU A 182 5.43 -10.36 -9.64
CA LEU A 182 6.57 -9.46 -9.85
C LEU A 182 7.68 -10.11 -10.67
N LYS A 183 8.09 -9.43 -11.74
CA LYS A 183 9.24 -9.87 -12.52
C LYS A 183 10.53 -9.63 -11.74
N ALA A 184 11.45 -10.60 -11.80
CA ALA A 184 12.74 -10.45 -11.16
C ALA A 184 13.55 -9.36 -11.86
N GLY A 185 14.45 -8.73 -11.11
CA GLY A 185 15.32 -7.75 -11.70
C GLY A 185 16.23 -7.12 -10.66
N PHE A 186 16.79 -5.98 -11.03
CA PHE A 186 17.65 -5.22 -10.14
C PHE A 186 17.17 -3.80 -10.04
N HIS A 187 17.14 -3.29 -8.82
CA HIS A 187 16.97 -1.86 -8.64
C HIS A 187 18.04 -1.38 -7.67
N PRO A 188 18.68 -0.25 -7.96
CA PRO A 188 19.81 0.14 -7.11
C PRO A 188 19.48 0.43 -5.66
N LEU A 189 18.22 0.79 -5.37
CA LEU A 189 17.89 1.12 -4.00
C LEU A 189 17.23 0.00 -3.20
N THR A 190 16.53 -0.92 -3.88
CA THR A 190 15.85 -2.00 -3.15
C THR A 190 16.47 -3.35 -3.46
N ILE A 191 17.44 -3.32 -4.37
CA ILE A 191 18.16 -4.51 -4.81
C ILE A 191 17.30 -5.47 -5.63
N ASP A 192 16.40 -6.22 -5.01
CA ASP A 192 15.70 -7.31 -5.71
C ASP A 192 14.21 -7.38 -5.38
N CYS A 193 13.65 -6.28 -4.90
CA CYS A 193 12.23 -6.31 -4.55
C CYS A 193 11.52 -5.04 -4.91
N ARG A 194 10.20 -5.07 -4.73
CA ARG A 194 9.36 -3.88 -4.81
C ARG A 194 8.73 -3.65 -3.43
N TYR A 195 8.65 -2.39 -3.02
CA TYR A 195 7.84 -2.06 -1.84
C TYR A 195 6.70 -1.21 -2.28
N ASN A 196 5.57 -1.32 -1.58
CA ASN A 196 4.49 -0.40 -1.82
C ASN A 196 3.99 0.06 -0.48
N LEU A 197 3.80 1.37 -0.32
CA LEU A 197 3.23 1.92 0.89
C LEU A 197 1.79 2.27 0.56
N THR A 198 0.83 1.88 1.39
CA THR A 198 -0.53 2.37 1.20
C THR A 198 -0.99 3.04 2.47
N PHE A 199 -1.22 4.34 2.37
CA PHE A 199 -1.67 5.17 3.47
C PHE A 199 -3.19 5.18 3.52
N ARG A 200 -3.74 4.92 4.71
CA ARG A 200 -5.18 4.79 4.90
C ARG A 200 -5.64 5.58 6.11
N GLN A 201 -6.86 6.08 6.05
CA GLN A 201 -7.58 6.54 7.23
C GLN A 201 -8.38 5.36 7.70
N ALA A 202 -7.91 4.73 8.76
CA ALA A 202 -8.48 3.48 9.22
C ALA A 202 -9.31 3.64 10.48
N GLY A 203 -9.10 4.72 11.22
CA GLY A 203 -9.86 4.97 12.44
C GLY A 203 -11.23 5.54 12.15
N LYS A 204 -12.14 5.34 13.09
CA LYS A 204 -13.54 5.79 12.96
C LYS A 204 -13.70 7.21 12.42
#